data_2A2U
#
_entry.id   2A2U
#
_cell.length_a   106.820
_cell.length_b   62.340
_cell.length_c   114.190
_cell.angle_alpha   90.00
_cell.angle_beta   90.00
_cell.angle_gamma   90.00
#
_symmetry.space_group_name_H-M   'P 21 21 21'
#
loop_
_entity.id
_entity.type
_entity.pdbx_description
1 polymer 'PROTEIN (ALPHA-2U-GLOBULIN)'
2 water water
#
_entity_poly.entity_id   1
_entity_poly.type   'polypeptide(L)'
_entity_poly.pdbx_seq_one_letter_code
;MKLLLLLLCLGLTLVCGHAEEASSTRGNLDVAKLNGDWFSIVVASNKREKIEENGSMRVFMQHIDVLENSLGFKFRIKEN
GECRELYLVAYKTPEDGEYFVEYDGGNTFTILKTDYDRYVMFHLINFKNGETFQLMVLYGRTKDLSSDIKEKFAKLCEAH
GITRDNIIDLTKTDRCLQARG
;
_entity_poly.pdbx_strand_id   A,B,C,D
#
# COMPACT_ATOMS: atom_id res chain seq x y z
N GLU A 20 -17.75 -3.84 30.93
CA GLU A 20 -18.04 -2.70 30.02
C GLU A 20 -16.72 -2.10 29.50
N GLU A 21 -15.93 -1.53 30.40
CA GLU A 21 -14.65 -0.91 30.00
C GLU A 21 -13.55 -1.93 29.73
N ALA A 22 -12.82 -1.70 28.64
CA ALA A 22 -11.71 -2.54 28.24
C ALA A 22 -10.61 -1.62 27.76
N SER A 23 -9.48 -2.18 27.37
CA SER A 23 -8.37 -1.34 26.92
C SER A 23 -7.32 -2.20 26.27
N SER A 24 -6.77 -1.73 25.15
CA SER A 24 -5.75 -2.48 24.42
C SER A 24 -4.48 -2.48 25.24
N THR A 25 -4.20 -1.32 25.84
CA THR A 25 -3.02 -1.16 26.69
C THR A 25 -3.19 -2.03 27.95
N ARG A 26 -4.38 -1.97 28.56
CA ARG A 26 -4.68 -2.76 29.76
C ARG A 26 -4.61 -4.24 29.39
N GLY A 27 -4.84 -4.56 28.11
CA GLY A 27 -4.80 -5.94 27.66
C GLY A 27 -5.96 -6.73 28.23
N ASN A 28 -7.16 -6.41 27.76
CA ASN A 28 -8.40 -7.06 28.19
C ASN A 28 -9.48 -6.74 27.18
N LEU A 29 -9.11 -5.91 26.20
CA LEU A 29 -9.98 -5.49 25.14
C LEU A 29 -10.38 -6.63 24.19
N ASP A 30 -11.53 -6.48 23.55
CA ASP A 30 -12.07 -7.43 22.59
C ASP A 30 -12.35 -6.57 21.36
N VAL A 31 -11.28 -6.31 20.60
CA VAL A 31 -11.33 -5.48 19.40
C VAL A 31 -12.43 -5.86 18.40
N ALA A 32 -12.86 -7.11 18.43
CA ALA A 32 -13.90 -7.59 17.55
C ALA A 32 -15.19 -6.79 17.71
N LYS A 33 -15.46 -6.34 18.94
CA LYS A 33 -16.66 -5.58 19.23
C LYS A 33 -16.62 -4.13 18.79
N LEU A 34 -15.47 -3.68 18.30
CA LEU A 34 -15.31 -2.31 17.83
C LEU A 34 -15.84 -2.15 16.41
N ASN A 35 -16.19 -3.27 15.78
CA ASN A 35 -16.71 -3.27 14.43
C ASN A 35 -17.98 -2.45 14.35
N GLY A 36 -18.14 -1.66 13.30
CA GLY A 36 -19.35 -0.88 13.16
C GLY A 36 -19.16 0.59 12.91
N ASP A 37 -20.24 1.33 12.96
CA ASP A 37 -20.21 2.76 12.73
C ASP A 37 -19.82 3.56 13.94
N TRP A 38 -19.00 4.58 13.72
CA TRP A 38 -18.54 5.45 14.79
C TRP A 38 -18.55 6.87 14.28
N PHE A 39 -18.65 7.83 15.19
CA PHE A 39 -18.69 9.25 14.81
C PHE A 39 -17.64 9.98 15.61
N SER A 40 -17.08 11.05 15.03
CA SER A 40 -16.09 11.85 15.70
C SER A 40 -16.79 12.82 16.63
N ILE A 41 -16.47 12.74 17.92
CA ILE A 41 -17.09 13.60 18.91
C ILE A 41 -16.17 14.71 19.41
N VAL A 42 -15.00 14.33 19.95
CA VAL A 42 -14.04 15.29 20.47
C VAL A 42 -12.61 14.88 20.10
N VAL A 43 -11.83 15.83 19.61
CA VAL A 43 -10.43 15.59 19.26
C VAL A 43 -9.59 16.56 20.07
N ALA A 44 -8.42 16.13 20.52
CA ALA A 44 -7.57 17.00 21.32
C ALA A 44 -6.11 16.74 21.01
N SER A 45 -5.37 17.82 20.80
CA SER A 45 -3.94 17.74 20.52
C SER A 45 -3.31 19.04 20.93
N ASN A 46 -2.12 18.99 21.53
CA ASN A 46 -1.44 20.22 21.91
C ASN A 46 -0.93 20.94 20.66
N LYS A 47 -0.74 20.18 19.57
CA LYS A 47 -0.30 20.74 18.29
C LYS A 47 -1.61 21.07 17.57
N ARG A 48 -2.32 22.03 18.17
CA ARG A 48 -3.63 22.51 17.73
C ARG A 48 -3.85 22.71 16.25
N GLU A 49 -2.80 23.10 15.53
CA GLU A 49 -2.87 23.35 14.08
C GLU A 49 -3.43 22.14 13.33
N LYS A 50 -3.10 20.94 13.84
CA LYS A 50 -3.50 19.66 13.27
C LYS A 50 -4.98 19.32 13.40
N ILE A 51 -5.58 19.70 14.52
CA ILE A 51 -6.99 19.43 14.75
C ILE A 51 -7.91 20.57 14.33
N GLU A 52 -7.34 21.69 13.91
CA GLU A 52 -8.13 22.83 13.48
C GLU A 52 -8.54 22.69 12.02
N GLU A 53 -9.29 23.66 11.53
CA GLU A 53 -9.76 23.71 10.15
C GLU A 53 -8.57 23.42 9.23
N ASN A 54 -8.77 22.57 8.23
CA ASN A 54 -7.71 22.18 7.29
C ASN A 54 -6.57 21.35 7.90
N GLY A 55 -6.74 20.92 9.15
CA GLY A 55 -5.74 20.10 9.82
C GLY A 55 -5.90 18.66 9.38
N SER A 56 -4.79 17.97 9.13
CA SER A 56 -4.83 16.59 8.69
C SER A 56 -5.46 15.64 9.71
N MET A 57 -5.33 15.97 10.99
CA MET A 57 -5.88 15.11 12.04
C MET A 57 -7.34 15.39 12.38
N ARG A 58 -7.91 16.46 11.83
CA ARG A 58 -9.32 16.76 12.07
C ARG A 58 -10.13 15.85 11.14
N VAL A 59 -10.23 14.59 11.52
CA VAL A 59 -10.95 13.61 10.72
C VAL A 59 -12.33 13.29 11.30
N PHE A 60 -13.28 13.08 10.41
CA PHE A 60 -14.64 12.76 10.79
C PHE A 60 -14.90 11.28 10.52
N MET A 61 -14.71 10.48 11.56
CA MET A 61 -14.88 9.04 11.48
C MET A 61 -16.27 8.64 11.01
N GLN A 62 -16.36 7.45 10.41
CA GLN A 62 -17.62 6.92 9.91
C GLN A 62 -17.85 5.46 10.27
N HIS A 63 -16.83 4.63 10.06
CA HIS A 63 -16.95 3.21 10.31
C HIS A 63 -15.60 2.59 10.59
N ILE A 64 -15.57 1.57 11.43
CA ILE A 64 -14.36 0.84 11.76
C ILE A 64 -14.59 -0.63 11.42
N ASP A 65 -13.69 -1.20 10.61
CA ASP A 65 -13.77 -2.60 10.21
C ASP A 65 -12.69 -3.39 10.91
N VAL A 66 -13.04 -4.55 11.42
CA VAL A 66 -12.05 -5.36 12.11
C VAL A 66 -11.58 -6.44 11.12
N LEU A 67 -10.34 -6.32 10.66
CA LEU A 67 -9.76 -7.25 9.68
C LEU A 67 -8.71 -8.16 10.29
N GLU A 68 -7.98 -8.90 9.46
CA GLU A 68 -6.93 -9.79 9.94
C GLU A 68 -5.68 -9.06 10.40
N ASN A 69 -5.40 -9.13 11.71
CA ASN A 69 -4.22 -8.47 12.28
C ASN A 69 -4.23 -6.95 12.02
N SER A 70 -5.41 -6.39 11.79
CA SER A 70 -5.53 -4.96 11.53
C SER A 70 -6.94 -4.40 11.68
N LEU A 71 -7.05 -3.08 11.52
CA LEU A 71 -8.30 -2.35 11.61
C LEU A 71 -8.43 -1.43 10.40
N GLY A 72 -9.62 -1.36 9.82
CA GLY A 72 -9.82 -0.48 8.68
C GLY A 72 -10.61 0.70 9.18
N PHE A 73 -10.29 1.89 8.70
CA PHE A 73 -10.99 3.09 9.12
C PHE A 73 -11.52 3.84 7.91
N LYS A 74 -12.84 3.98 7.81
CA LYS A 74 -13.44 4.74 6.72
C LYS A 74 -13.88 6.05 7.35
N PHE A 75 -13.35 7.17 6.87
CA PHE A 75 -13.67 8.47 7.44
C PHE A 75 -13.66 9.56 6.38
N ARG A 76 -14.12 10.75 6.76
CA ARG A 76 -14.17 11.88 5.85
C ARG A 76 -13.28 12.99 6.34
N ILE A 77 -12.82 13.81 5.40
CA ILE A 77 -11.96 14.92 5.74
C ILE A 77 -12.22 16.05 4.76
N LYS A 78 -12.32 17.26 5.29
CA LYS A 78 -12.58 18.44 4.47
C LYS A 78 -11.27 19.02 3.97
N GLU A 79 -10.93 18.70 2.73
CA GLU A 79 -9.70 19.20 2.11
C GLU A 79 -10.14 20.31 1.18
N ASN A 80 -9.90 21.56 1.60
CA ASN A 80 -10.27 22.74 0.81
C ASN A 80 -11.77 22.83 0.55
N GLY A 81 -12.54 22.89 1.63
CA GLY A 81 -13.98 22.99 1.54
C GLY A 81 -14.64 21.83 0.82
N GLU A 82 -13.94 20.71 0.71
CA GLU A 82 -14.49 19.56 0.02
C GLU A 82 -14.23 18.28 0.79
N CYS A 83 -15.34 17.71 1.26
CA CYS A 83 -15.31 16.48 2.03
C CYS A 83 -14.89 15.28 1.20
N ARG A 84 -13.65 14.85 1.39
CA ARG A 84 -13.06 13.72 0.70
C ARG A 84 -13.27 12.45 1.54
N GLU A 85 -13.63 11.37 0.87
CA GLU A 85 -13.87 10.06 1.49
C GLU A 85 -12.59 9.22 1.43
N LEU A 86 -12.11 8.76 2.58
CA LEU A 86 -10.88 7.96 2.63
C LEU A 86 -11.05 6.67 3.43
N TYR A 87 -10.04 5.81 3.40
CA TYR A 87 -10.05 4.54 4.12
C TYR A 87 -8.62 4.12 4.36
N LEU A 88 -8.24 3.97 5.63
CA LEU A 88 -6.88 3.58 5.98
C LEU A 88 -6.86 2.29 6.77
N VAL A 89 -5.81 1.50 6.56
CA VAL A 89 -5.65 0.26 7.29
C VAL A 89 -4.51 0.45 8.30
N ALA A 90 -4.76 0.05 9.54
CA ALA A 90 -3.78 0.17 10.60
C ALA A 90 -3.41 -1.25 10.99
N TYR A 91 -2.11 -1.54 11.08
CA TYR A 91 -1.66 -2.88 11.43
C TYR A 91 -1.27 -3.07 12.86
N LYS A 92 -1.53 -4.26 13.38
CA LYS A 92 -1.21 -4.59 14.76
C LYS A 92 0.30 -4.85 14.84
N THR A 93 0.96 -4.26 15.83
CA THR A 93 2.40 -4.43 15.99
C THR A 93 2.68 -5.40 17.15
N PRO A 94 3.92 -5.88 17.28
CA PRO A 94 4.27 -6.80 18.36
C PRO A 94 4.23 -6.23 19.78
N GLU A 95 4.14 -4.91 19.95
CA GLU A 95 4.09 -4.30 21.29
C GLU A 95 2.64 -4.07 21.78
N ASP A 96 2.28 -4.69 22.91
CA ASP A 96 0.95 -4.66 23.50
C ASP A 96 -0.02 -3.50 23.26
N GLY A 97 -0.97 -3.78 22.38
CA GLY A 97 -2.01 -2.83 22.05
C GLY A 97 -1.70 -1.79 21.01
N GLU A 98 -0.47 -1.80 20.51
CA GLU A 98 -0.05 -0.80 19.52
C GLU A 98 -0.36 -1.15 18.09
N TYR A 99 -0.88 -0.15 17.38
CA TYR A 99 -1.23 -0.29 15.98
C TYR A 99 -0.41 0.76 15.23
N PHE A 100 -0.08 0.48 13.98
CA PHE A 100 0.66 1.42 13.15
C PHE A 100 -0.13 1.78 11.91
N VAL A 101 -0.10 3.05 11.54
CA VAL A 101 -0.77 3.51 10.34
C VAL A 101 0.04 4.68 9.78
N GLU A 102 0.28 4.65 8.47
CA GLU A 102 1.03 5.70 7.82
C GLU A 102 0.02 6.74 7.37
N TYR A 103 0.10 7.93 7.96
CA TYR A 103 -0.80 9.02 7.61
C TYR A 103 -0.22 10.32 8.11
N ASP A 104 0.29 11.14 7.20
CA ASP A 104 0.90 12.41 7.57
C ASP A 104 2.02 12.10 8.54
N GLY A 105 2.76 11.03 8.24
CA GLY A 105 3.87 10.58 9.07
C GLY A 105 3.64 9.16 9.56
N GLY A 106 4.45 8.73 10.53
CA GLY A 106 4.31 7.41 11.08
C GLY A 106 3.52 7.54 12.35
N ASN A 107 2.41 6.81 12.44
CA ASN A 107 1.55 6.89 13.62
C ASN A 107 1.47 5.61 14.42
N THR A 108 1.51 5.77 15.74
CA THR A 108 1.39 4.66 16.66
C THR A 108 0.22 5.01 17.57
N PHE A 109 -0.79 4.15 17.61
CA PHE A 109 -1.93 4.41 18.47
C PHE A 109 -2.40 3.22 19.28
N THR A 110 -3.13 3.50 20.35
CA THR A 110 -3.66 2.47 21.23
C THR A 110 -5.10 2.79 21.60
N ILE A 111 -5.83 1.77 22.03
CA ILE A 111 -7.22 1.92 22.45
C ILE A 111 -7.16 2.15 23.95
N LEU A 112 -7.30 3.41 24.31
CA LEU A 112 -7.21 3.85 25.69
C LEU A 112 -8.34 3.35 26.57
N LYS A 113 -9.58 3.55 26.14
CA LYS A 113 -10.76 3.13 26.92
C LYS A 113 -11.98 2.96 26.03
N THR A 114 -12.77 1.93 26.29
CA THR A 114 -13.97 1.67 25.51
C THR A 114 -14.99 0.88 26.32
N ASP A 115 -16.26 1.13 26.06
CA ASP A 115 -17.34 0.42 26.73
C ASP A 115 -18.07 -0.36 25.64
N TYR A 116 -17.52 -0.29 24.44
CA TYR A 116 -17.98 -0.95 23.23
C TYR A 116 -19.17 -0.40 22.46
N ASP A 117 -20.30 -0.19 23.13
CA ASP A 117 -21.49 0.31 22.43
C ASP A 117 -21.81 1.78 22.60
N ARG A 118 -20.87 2.53 23.13
CA ARG A 118 -21.08 3.96 23.30
C ARG A 118 -19.89 4.77 22.83
N TYR A 119 -18.76 4.56 23.50
CA TYR A 119 -17.55 5.32 23.19
C TYR A 119 -16.28 4.48 23.03
N VAL A 120 -15.26 5.14 22.48
CA VAL A 120 -13.93 4.57 22.31
C VAL A 120 -12.95 5.73 22.25
N MET A 121 -11.98 5.68 23.13
CA MET A 121 -10.97 6.73 23.22
C MET A 121 -9.65 6.17 22.70
N PHE A 122 -9.10 6.82 21.68
CA PHE A 122 -7.84 6.40 21.09
C PHE A 122 -6.78 7.41 21.48
N HIS A 123 -5.55 6.94 21.62
CA HIS A 123 -4.43 7.81 21.94
C HIS A 123 -3.39 7.57 20.85
N LEU A 124 -3.01 8.63 20.15
CA LEU A 124 -2.07 8.51 19.05
C LEU A 124 -0.86 9.43 19.12
N ILE A 125 0.29 8.90 18.71
CA ILE A 125 1.53 9.66 18.66
C ILE A 125 1.93 9.71 17.19
N ASN A 126 2.33 10.88 16.71
CA ASN A 126 2.72 11.02 15.31
C ASN A 126 4.19 11.39 15.15
N PHE A 127 4.85 10.82 14.15
CA PHE A 127 6.25 11.15 13.89
C PHE A 127 6.41 11.57 12.44
N LYS A 128 7.03 12.73 12.23
CA LYS A 128 7.24 13.22 10.90
C LYS A 128 8.38 14.22 10.84
N ASN A 129 9.43 13.85 10.13
CA ASN A 129 10.61 14.68 9.96
C ASN A 129 11.21 15.13 11.29
N GLY A 130 11.58 14.15 12.12
CA GLY A 130 12.18 14.44 13.41
C GLY A 130 11.22 14.85 14.52
N GLU A 131 10.04 15.33 14.17
CA GLU A 131 9.06 15.77 15.17
C GLU A 131 7.95 14.78 15.50
N THR A 132 7.40 14.93 16.71
CA THR A 132 6.31 14.12 17.20
C THR A 132 5.24 14.97 17.88
N PHE A 133 4.07 14.39 18.08
CA PHE A 133 2.97 15.05 18.76
C PHE A 133 1.89 14.05 19.13
N GLN A 134 1.23 14.32 20.25
CA GLN A 134 0.16 13.47 20.75
C GLN A 134 -1.17 13.91 20.18
N LEU A 135 -2.08 12.96 20.06
CA LEU A 135 -3.43 13.20 19.57
C LEU A 135 -4.36 12.25 20.32
N MET A 136 -5.50 12.76 20.79
CA MET A 136 -6.46 11.92 21.49
C MET A 136 -7.85 12.16 20.93
N VAL A 137 -8.56 11.09 20.65
CA VAL A 137 -9.90 11.23 20.09
C VAL A 137 -10.93 10.38 20.81
N LEU A 138 -12.16 10.90 20.82
CA LEU A 138 -13.29 10.23 21.42
C LEU A 138 -14.29 9.98 20.30
N TYR A 139 -14.64 8.71 20.09
CA TYR A 139 -15.62 8.33 19.07
C TYR A 139 -16.84 7.79 19.78
N GLY A 140 -18.00 8.08 19.21
CA GLY A 140 -19.24 7.61 19.81
C GLY A 140 -20.00 6.87 18.74
N ARG A 141 -20.84 5.91 19.14
CA ARG A 141 -21.63 5.16 18.16
C ARG A 141 -22.81 6.03 17.70
N THR A 142 -22.99 7.14 18.40
CA THR A 142 -24.04 8.12 18.15
C THR A 142 -23.42 9.44 17.74
N LYS A 143 -24.19 10.28 17.05
CA LYS A 143 -23.69 11.59 16.58
C LYS A 143 -23.16 12.47 17.69
N ASP A 144 -23.59 12.20 18.92
CA ASP A 144 -23.11 12.97 20.07
C ASP A 144 -23.10 12.06 21.28
N LEU A 145 -22.40 12.46 22.33
CA LEU A 145 -22.32 11.65 23.53
C LEU A 145 -22.62 12.42 24.79
N SER A 146 -22.79 11.65 25.85
CA SER A 146 -23.09 12.12 27.19
C SER A 146 -22.06 13.15 27.64
N SER A 147 -22.55 14.19 28.31
CA SER A 147 -21.69 15.26 28.82
C SER A 147 -20.69 14.67 29.81
N ASP A 148 -21.07 13.54 30.38
CA ASP A 148 -20.24 12.81 31.35
C ASP A 148 -19.07 12.16 30.61
N ILE A 149 -19.36 11.55 29.47
CA ILE A 149 -18.33 10.87 28.68
C ILE A 149 -17.31 11.90 28.24
N LYS A 150 -17.80 13.09 27.85
CA LYS A 150 -16.92 14.13 27.39
C LYS A 150 -16.02 14.69 28.50
N GLU A 151 -16.46 14.58 29.75
CA GLU A 151 -15.66 15.07 30.88
C GLU A 151 -14.53 14.12 31.17
N LYS A 152 -14.86 12.83 31.27
CA LYS A 152 -13.88 11.78 31.52
C LYS A 152 -12.76 11.88 30.49
N PHE A 153 -13.15 12.16 29.25
CA PHE A 153 -12.19 12.30 28.16
C PHE A 153 -11.37 13.55 28.36
N ALA A 154 -12.02 14.65 28.73
CA ALA A 154 -11.34 15.92 28.95
C ALA A 154 -10.25 15.75 30.00
N LYS A 155 -10.51 14.90 30.99
CA LYS A 155 -9.56 14.61 32.06
C LYS A 155 -8.36 13.82 31.55
N LEU A 156 -8.61 12.74 30.81
CA LEU A 156 -7.52 11.93 30.26
C LEU A 156 -6.60 12.78 29.41
N CYS A 157 -7.15 13.75 28.68
CA CYS A 157 -6.35 14.61 27.85
C CYS A 157 -5.37 15.35 28.72
N GLU A 158 -5.87 15.87 29.84
CA GLU A 158 -5.04 16.61 30.78
C GLU A 158 -4.01 15.68 31.40
N ALA A 159 -4.42 14.45 31.67
CA ALA A 159 -3.53 13.45 32.25
C ALA A 159 -2.43 13.07 31.26
N HIS A 160 -2.54 13.57 30.02
CA HIS A 160 -1.57 13.29 28.97
C HIS A 160 -0.95 14.57 28.44
N GLY A 161 -0.91 15.60 29.29
CA GLY A 161 -0.31 16.86 28.90
C GLY A 161 -1.08 17.75 27.94
N ILE A 162 -2.25 17.34 27.47
CA ILE A 162 -3.01 18.18 26.55
C ILE A 162 -3.93 19.10 27.35
N THR A 163 -3.74 20.41 27.18
CA THR A 163 -4.53 21.41 27.89
C THR A 163 -5.97 21.51 27.40
N ARG A 164 -6.86 21.96 28.28
CA ARG A 164 -8.28 22.11 27.99
C ARG A 164 -8.54 23.07 26.82
N ASP A 165 -7.55 23.90 26.49
CA ASP A 165 -7.68 24.86 25.39
C ASP A 165 -7.47 24.16 24.04
N ASN A 166 -6.91 22.95 24.06
CA ASN A 166 -6.66 22.22 22.83
C ASN A 166 -7.60 21.05 22.59
N ILE A 167 -8.65 20.98 23.41
CA ILE A 167 -9.65 19.94 23.30
C ILE A 167 -10.78 20.55 22.46
N ILE A 168 -11.04 19.98 21.30
CA ILE A 168 -12.08 20.50 20.40
C ILE A 168 -13.28 19.58 20.27
N ASP A 169 -14.48 20.12 20.48
CA ASP A 169 -15.72 19.38 20.38
C ASP A 169 -16.25 19.55 18.95
N LEU A 170 -16.12 18.49 18.15
CA LEU A 170 -16.55 18.52 16.75
C LEU A 170 -18.04 18.40 16.53
N THR A 171 -18.81 18.07 17.58
CA THR A 171 -20.26 17.93 17.44
C THR A 171 -20.96 19.21 17.06
N LYS A 172 -20.33 20.34 17.34
CA LYS A 172 -20.92 21.60 17.02
C LYS A 172 -20.65 22.10 15.59
N THR A 173 -19.64 21.51 14.96
CA THR A 173 -19.26 21.85 13.58
C THR A 173 -19.76 20.86 12.52
N ASP A 174 -19.41 21.14 11.26
CA ASP A 174 -19.80 20.27 10.15
C ASP A 174 -18.83 19.12 10.08
N ARG A 175 -19.33 17.94 10.40
CA ARG A 175 -18.51 16.75 10.34
C ARG A 175 -18.74 16.09 9.00
N CYS A 176 -18.70 16.92 7.96
CA CYS A 176 -18.92 16.47 6.61
C CYS A 176 -20.18 15.66 6.41
N LEU A 177 -21.11 15.80 7.34
CA LEU A 177 -22.37 15.09 7.22
C LEU A 177 -23.19 15.76 6.13
N GLU B 20 17.86 -2.25 -31.04
CA GLU B 20 18.03 -1.07 -30.15
C GLU B 20 16.66 -0.61 -29.63
N GLU B 21 15.80 -0.14 -30.53
CA GLU B 21 14.47 0.34 -30.12
C GLU B 21 13.49 -0.78 -29.83
N ALA B 22 12.75 -0.62 -28.73
CA ALA B 22 11.74 -1.58 -28.31
C ALA B 22 10.54 -0.77 -27.84
N SER B 23 9.48 -1.45 -27.43
CA SER B 23 8.29 -0.73 -26.98
C SER B 23 7.35 -1.69 -26.30
N SER B 24 6.76 -1.26 -25.19
CA SER B 24 5.83 -2.12 -24.44
C SER B 24 4.57 -2.26 -25.26
N THR B 25 4.16 -1.15 -25.87
CA THR B 25 2.96 -1.11 -26.71
C THR B 25 3.21 -1.97 -27.95
N ARG B 26 4.38 -1.79 -28.57
CA ARG B 26 4.76 -2.55 -29.76
C ARG B 26 4.85 -4.04 -29.39
N GLY B 27 5.12 -4.31 -28.11
CA GLY B 27 5.23 -5.68 -27.64
C GLY B 27 6.46 -6.35 -28.22
N ASN B 28 7.63 -5.91 -27.76
CA ASN B 28 8.92 -6.42 -28.20
C ASN B 28 9.98 -5.97 -27.19
N LEU B 29 9.52 -5.19 -26.22
CA LEU B 29 10.36 -4.66 -25.17
C LEU B 29 10.89 -5.75 -24.23
N ASP B 30 12.01 -5.47 -23.60
CA ASP B 30 12.66 -6.34 -22.64
C ASP B 30 12.85 -5.45 -21.41
N VAL B 31 11.78 -5.31 -20.64
CA VAL B 31 11.74 -4.46 -19.45
C VAL B 31 12.89 -4.70 -18.46
N ALA B 32 13.44 -5.90 -18.48
CA ALA B 32 14.55 -6.26 -17.60
C ALA B 32 15.73 -5.33 -17.79
N LYS B 33 15.94 -4.87 -19.02
CA LYS B 33 17.06 -3.98 -19.33
C LYS B 33 16.87 -2.54 -18.90
N LEU B 34 15.69 -2.21 -18.40
CA LEU B 34 15.38 -0.85 -17.95
C LEU B 34 15.90 -0.63 -16.53
N ASN B 35 16.37 -1.70 -15.90
CA ASN B 35 16.91 -1.64 -14.55
C ASN B 35 18.07 -0.68 -14.49
N GLY B 36 18.16 0.12 -13.44
CA GLY B 36 19.28 1.03 -13.32
C GLY B 36 18.93 2.48 -13.08
N ASP B 37 19.93 3.33 -13.14
CA ASP B 37 19.75 4.75 -12.93
C ASP B 37 19.26 5.49 -14.15
N TRP B 38 18.35 6.42 -13.93
CA TRP B 38 17.79 7.23 -15.00
C TRP B 38 17.66 8.64 -14.50
N PHE B 39 17.64 9.61 -15.41
CA PHE B 39 17.53 11.02 -15.05
C PHE B 39 16.40 11.62 -15.84
N SER B 40 15.74 12.62 -15.28
CA SER B 40 14.65 13.32 -15.95
C SER B 40 15.25 14.36 -16.89
N ILE B 41 14.93 14.22 -18.17
CA ILE B 41 15.44 15.14 -19.18
C ILE B 41 14.40 16.13 -19.68
N VAL B 42 13.28 15.63 -20.20
CA VAL B 42 12.21 16.48 -20.72
C VAL B 42 10.84 15.92 -20.34
N VAL B 43 9.97 16.79 -19.85
CA VAL B 43 8.61 16.41 -19.48
C VAL B 43 7.66 17.27 -20.29
N ALA B 44 6.54 16.72 -20.73
CA ALA B 44 5.59 17.48 -21.52
C ALA B 44 4.17 17.06 -21.20
N SER B 45 3.32 18.06 -20.99
CA SER B 45 1.91 17.83 -20.70
C SER B 45 1.14 19.06 -21.11
N ASN B 46 -0.04 18.88 -21.70
CA ASN B 46 -0.84 20.03 -22.09
C ASN B 46 -1.43 20.69 -20.84
N LYS B 47 -1.54 19.93 -19.75
CA LYS B 47 -2.01 20.45 -18.45
C LYS B 47 -0.74 20.92 -17.76
N ARG B 48 -0.13 21.95 -18.37
CA ARG B 48 1.12 22.57 -17.95
C ARG B 48 1.32 22.82 -16.46
N GLU B 49 0.25 23.10 -15.74
CA GLU B 49 0.30 23.36 -14.30
C GLU B 49 0.99 22.21 -13.55
N LYS B 50 0.79 21.00 -14.04
CA LYS B 50 1.32 19.76 -13.46
C LYS B 50 2.83 19.58 -13.60
N ILE B 51 3.38 20.02 -14.73
CA ILE B 51 4.81 19.90 -14.97
C ILE B 51 5.61 21.13 -14.57
N GLU B 52 4.92 22.18 -14.15
CA GLU B 52 5.59 23.40 -13.73
C GLU B 52 6.02 23.33 -12.28
N GLU B 53 6.67 24.38 -11.81
CA GLU B 53 7.15 24.48 -10.42
C GLU B 53 5.99 24.09 -9.51
N ASN B 54 6.30 23.26 -8.50
CA ASN B 54 5.30 22.78 -7.54
C ASN B 54 4.25 21.82 -8.13
N GLY B 55 4.45 21.40 -9.39
CA GLY B 55 3.53 20.48 -10.03
C GLY B 55 3.86 19.06 -9.58
N SER B 56 2.83 18.27 -9.32
CA SER B 56 3.02 16.89 -8.87
C SER B 56 3.73 16.01 -9.88
N MET B 57 3.56 16.31 -11.17
CA MET B 57 4.18 15.50 -12.21
C MET B 57 5.62 15.93 -12.57
N ARG B 58 6.07 17.06 -12.04
CA ARG B 58 7.44 17.52 -12.30
C ARG B 58 8.36 16.71 -11.37
N VAL B 59 8.58 15.45 -11.73
CA VAL B 59 9.41 14.57 -10.93
C VAL B 59 10.79 14.39 -11.52
N PHE B 60 11.79 14.28 -10.63
CA PHE B 60 13.17 14.12 -11.02
C PHE B 60 13.58 12.68 -10.75
N MET B 61 13.47 11.85 -11.77
CA MET B 61 13.80 10.44 -11.68
C MET B 61 15.22 10.19 -11.22
N GLN B 62 15.44 9.02 -10.62
CA GLN B 62 16.76 8.63 -10.13
C GLN B 62 17.13 7.20 -10.47
N HIS B 63 16.21 6.27 -10.24
CA HIS B 63 16.49 4.86 -10.49
C HIS B 63 15.20 4.11 -10.74
N ILE B 64 15.28 3.07 -11.58
CA ILE B 64 14.15 2.22 -11.89
C ILE B 64 14.53 0.78 -11.54
N ASP B 65 13.71 0.14 -10.72
CA ASP B 65 13.94 -1.24 -10.31
C ASP B 65 12.95 -2.14 -11.00
N VAL B 66 13.41 -3.28 -11.50
CA VAL B 66 12.51 -4.19 -12.16
C VAL B 66 12.17 -5.31 -11.17
N LEU B 67 10.92 -5.32 -10.69
CA LEU B 67 10.46 -6.29 -9.70
C LEU B 67 9.50 -7.32 -10.30
N GLU B 68 8.86 -8.12 -9.44
CA GLU B 68 7.91 -9.12 -9.92
C GLU B 68 6.58 -8.53 -10.38
N ASN B 69 6.30 -8.64 -11.67
CA ASN B 69 5.06 -8.11 -12.24
C ASN B 69 4.90 -6.61 -11.99
N SER B 70 6.02 -5.92 -11.79
CA SER B 70 5.99 -4.48 -11.53
C SER B 70 7.33 -3.77 -11.70
N LEU B 71 7.30 -2.45 -11.55
CA LEU B 71 8.47 -1.59 -11.66
C LEU B 71 8.50 -0.65 -10.46
N GLY B 72 9.68 -0.45 -9.88
CA GLY B 72 9.80 0.45 -8.76
C GLY B 72 10.45 1.71 -9.28
N PHE B 73 10.02 2.87 -8.81
CA PHE B 73 10.57 4.13 -9.24
C PHE B 73 11.03 4.95 -8.04
N LYS B 74 12.33 5.22 -7.95
CA LYS B 74 12.85 6.06 -6.88
C LYS B 74 13.14 7.40 -7.53
N PHE B 75 12.50 8.45 -7.05
CA PHE B 75 12.68 9.78 -7.63
C PHE B 75 12.57 10.87 -6.59
N ARG B 76 12.90 12.10 -6.98
CA ARG B 76 12.83 13.24 -6.08
C ARG B 76 11.81 14.24 -6.56
N ILE B 77 11.29 15.01 -5.63
CA ILE B 77 10.31 16.02 -5.97
C ILE B 77 10.45 17.19 -5.00
N LYS B 78 10.42 18.40 -5.54
CA LYS B 78 10.56 19.61 -4.73
C LYS B 78 9.20 20.04 -4.22
N GLU B 79 8.90 19.71 -2.98
CA GLU B 79 7.64 20.07 -2.36
C GLU B 79 7.97 21.24 -1.45
N ASN B 80 7.59 22.45 -1.86
CA ASN B 80 7.84 23.66 -1.09
C ASN B 80 9.32 23.92 -0.84
N GLY B 81 10.07 24.04 -1.94
CA GLY B 81 11.49 24.30 -1.86
C GLY B 81 12.28 23.23 -1.13
N GLU B 82 11.69 22.04 -1.00
CA GLU B 82 12.38 20.96 -0.32
C GLU B 82 12.26 19.66 -1.07
N CYS B 83 13.41 19.20 -1.55
CA CYS B 83 13.50 17.97 -2.30
C CYS B 83 13.22 16.73 -1.46
N ARG B 84 12.03 16.18 -1.65
CA ARG B 84 11.57 15.00 -0.94
C ARG B 84 11.91 13.75 -1.76
N GLU B 85 12.38 12.71 -1.09
CA GLU B 85 12.76 11.44 -1.70
C GLU B 85 11.57 10.46 -1.62
N LEU B 86 11.14 9.94 -2.75
CA LEU B 86 10.00 9.02 -2.80
C LEU B 86 10.31 7.74 -3.58
N TYR B 87 9.39 6.79 -3.53
CA TYR B 87 9.53 5.52 -4.24
C TYR B 87 8.15 4.93 -4.47
N LEU B 88 7.78 4.74 -5.74
CA LEU B 88 6.47 4.21 -6.07
C LEU B 88 6.57 2.92 -6.85
N VAL B 89 5.62 2.02 -6.62
CA VAL B 89 5.59 0.76 -7.35
C VAL B 89 4.42 0.82 -8.34
N ALA B 90 4.71 0.44 -9.57
CA ALA B 90 3.71 0.44 -10.63
C ALA B 90 3.49 -1.02 -11.01
N TYR B 91 2.23 -1.45 -11.09
CA TYR B 91 1.91 -2.83 -11.41
C TYR B 91 1.55 -3.07 -12.84
N LYS B 92 1.92 -4.23 -13.35
CA LYS B 92 1.62 -4.61 -14.72
C LYS B 92 0.15 -5.02 -14.78
N THR B 93 -0.58 -4.52 -15.77
CA THR B 93 -1.99 -4.85 -15.92
C THR B 93 -2.17 -5.84 -17.06
N PRO B 94 -3.36 -6.46 -17.18
CA PRO B 94 -3.62 -7.42 -18.26
C PRO B 94 -3.65 -6.86 -19.68
N GLU B 95 -3.70 -5.54 -19.86
CA GLU B 95 -3.72 -4.94 -21.21
C GLU B 95 -2.32 -4.56 -21.71
N ASP B 96 -1.91 -5.16 -22.83
CA ASP B 96 -0.58 -4.98 -23.44
C ASP B 96 0.26 -3.73 -23.22
N GLY B 97 1.24 -3.90 -22.34
CA GLY B 97 2.18 -2.84 -22.03
C GLY B 97 1.76 -1.83 -21.01
N GLU B 98 0.55 -1.96 -20.48
CA GLU B 98 0.03 -1.00 -19.50
C GLU B 98 0.39 -1.30 -18.08
N TYR B 99 0.81 -0.25 -17.38
CA TYR B 99 1.18 -0.34 -15.98
C TYR B 99 0.26 0.62 -15.23
N PHE B 100 -0.03 0.32 -13.97
CA PHE B 100 -0.86 1.18 -13.15
C PHE B 100 -0.11 1.64 -11.92
N VAL B 101 -0.27 2.90 -11.55
CA VAL B 101 0.36 3.44 -10.37
C VAL B 101 -0.57 4.52 -9.80
N GLU B 102 -0.79 4.48 -8.51
CA GLU B 102 -1.64 5.45 -7.85
C GLU B 102 -0.75 6.60 -7.42
N TYR B 103 -0.95 7.76 -8.02
CA TYR B 103 -0.16 8.94 -7.69
C TYR B 103 -0.89 10.17 -8.19
N ASP B 104 -1.48 10.93 -7.28
CA ASP B 104 -2.22 12.13 -7.66
C ASP B 104 -3.32 11.70 -8.62
N GLY B 105 -3.93 10.57 -8.30
CA GLY B 105 -4.99 9.99 -9.11
C GLY B 105 -4.62 8.60 -9.59
N GLY B 106 -5.39 8.08 -10.55
CA GLY B 106 -5.11 6.76 -11.09
C GLY B 106 -4.35 6.97 -12.37
N ASN B 107 -3.17 6.37 -12.47
CA ASN B 107 -2.33 6.52 -13.64
C ASN B 107 -2.13 5.25 -14.45
N THR B 108 -2.19 5.40 -15.76
CA THR B 108 -1.96 4.30 -16.67
C THR B 108 -0.85 4.76 -17.60
N PHE B 109 0.24 4.01 -17.65
CA PHE B 109 1.36 4.39 -18.52
C PHE B 109 1.93 3.24 -19.31
N THR B 110 2.62 3.59 -20.40
CA THR B 110 3.27 2.62 -21.28
C THR B 110 4.65 3.08 -21.67
N ILE B 111 5.48 2.14 -22.10
CA ILE B 111 6.84 2.44 -22.52
C ILE B 111 6.74 2.65 -24.01
N LEU B 112 6.75 3.91 -24.40
CA LEU B 112 6.60 4.32 -25.77
C LEU B 112 7.77 3.93 -26.67
N LYS B 113 8.99 4.28 -26.26
CA LYS B 113 10.18 3.97 -27.04
C LYS B 113 11.43 3.94 -26.16
N THR B 114 12.33 3.00 -26.41
CA THR B 114 13.55 2.89 -25.64
C THR B 114 14.64 2.20 -26.46
N ASP B 115 15.89 2.59 -26.21
CA ASP B 115 17.03 1.98 -26.88
C ASP B 115 17.85 1.30 -25.80
N TYR B 116 17.29 1.33 -24.59
CA TYR B 116 17.84 0.72 -23.38
C TYR B 116 18.97 1.40 -22.63
N ASP B 117 20.06 1.72 -23.31
CA ASP B 117 21.20 2.36 -22.63
C ASP B 117 21.36 3.85 -22.81
N ARG B 118 20.34 4.49 -23.34
CA ARG B 118 20.41 5.93 -23.52
C ARG B 118 19.13 6.61 -23.05
N TYR B 119 18.03 6.29 -23.71
CA TYR B 119 16.75 6.90 -23.39
C TYR B 119 15.57 5.94 -23.21
N VAL B 120 14.49 6.49 -22.66
CA VAL B 120 13.24 5.79 -22.46
C VAL B 120 12.15 6.84 -22.41
N MET B 121 11.17 6.68 -23.29
CA MET B 121 10.05 7.62 -23.37
C MET B 121 8.80 6.92 -22.83
N PHE B 122 8.20 7.52 -21.81
CA PHE B 122 7.00 6.96 -21.21
C PHE B 122 5.83 7.86 -21.59
N HIS B 123 4.66 7.26 -21.73
CA HIS B 123 3.44 8.01 -22.04
C HIS B 123 2.45 7.66 -20.93
N LEU B 124 1.97 8.68 -20.24
CA LEU B 124 1.05 8.47 -19.13
C LEU B 124 -0.25 9.25 -19.20
N ILE B 125 -1.34 8.60 -18.78
CA ILE B 125 -2.65 9.24 -18.71
C ILE B 125 -3.04 9.25 -17.24
N ASN B 126 -3.56 10.38 -16.77
CA ASN B 126 -3.95 10.49 -15.37
C ASN B 126 -5.45 10.71 -15.20
N PHE B 127 -6.04 10.08 -14.19
CA PHE B 127 -7.46 10.26 -13.91
C PHE B 127 -7.65 10.68 -12.47
N LYS B 128 -8.39 11.76 -12.27
CA LYS B 128 -8.65 12.24 -10.93
C LYS B 128 -9.88 13.11 -10.88
N ASN B 129 -10.88 12.64 -10.15
CA ASN B 129 -12.15 13.35 -9.98
C ASN B 129 -12.79 13.70 -11.31
N GLY B 130 -13.07 12.69 -12.12
CA GLY B 130 -13.71 12.90 -13.41
C GLY B 130 -12.81 13.41 -14.53
N GLU B 131 -11.68 14.01 -14.20
CA GLU B 131 -10.76 14.54 -15.21
C GLU B 131 -9.54 13.68 -15.54
N THR B 132 -9.03 13.87 -16.76
CA THR B 132 -7.86 13.17 -17.25
C THR B 132 -6.90 14.13 -17.95
N PHE B 133 -5.67 13.67 -18.16
CA PHE B 133 -4.65 14.44 -18.85
C PHE B 133 -3.49 13.56 -19.23
N GLN B 134 -2.87 13.88 -20.35
CA GLN B 134 -1.71 13.15 -20.85
C GLN B 134 -0.43 13.74 -20.30
N LEU B 135 0.58 12.88 -20.19
CA LEU B 135 1.90 13.28 -19.71
C LEU B 135 2.92 12.43 -20.45
N MET B 136 3.98 13.05 -20.95
CA MET B 136 5.03 12.32 -21.65
C MET B 136 6.38 12.70 -21.10
N VAL B 137 7.21 11.71 -20.81
CA VAL B 137 8.53 11.99 -20.27
C VAL B 137 9.65 11.27 -20.99
N LEU B 138 10.80 11.91 -21.01
CA LEU B 138 12.01 11.35 -21.62
C LEU B 138 13.03 11.22 -20.51
N TYR B 139 13.52 10.00 -20.29
CA TYR B 139 14.54 9.73 -19.29
C TYR B 139 15.80 9.33 -19.99
N GLY B 140 16.94 9.75 -19.44
CA GLY B 140 18.21 9.39 -20.04
C GLY B 140 19.05 8.75 -18.98
N ARG B 141 19.99 7.89 -19.37
CA ARG B 141 20.86 7.24 -18.39
C ARG B 141 21.94 8.23 -17.95
N THR B 142 22.01 9.35 -18.67
CA THR B 142 22.94 10.43 -18.43
C THR B 142 22.18 11.69 -18.02
N LYS B 143 22.87 12.61 -17.35
CA LYS B 143 22.25 13.86 -16.89
C LYS B 143 21.61 14.67 -18.01
N ASP B 144 22.05 14.45 -19.23
CA ASP B 144 21.48 15.15 -20.38
C ASP B 144 21.56 14.22 -21.59
N LEU B 145 20.81 14.54 -22.63
CA LEU B 145 20.80 13.72 -23.83
C LEU B 145 21.01 14.49 -25.09
N SER B 146 21.27 13.73 -26.15
CA SER B 146 21.49 14.21 -27.50
C SER B 146 20.35 15.14 -27.95
N SER B 147 20.72 16.22 -28.63
CA SER B 147 19.75 17.18 -29.14
C SER B 147 18.82 16.48 -30.12
N ASP B 148 19.30 15.39 -30.68
CA ASP B 148 18.55 14.58 -31.63
C ASP B 148 17.47 13.81 -30.89
N ILE B 149 17.82 13.24 -29.73
CA ILE B 149 16.88 12.47 -28.93
C ILE B 149 15.76 13.39 -28.49
N LYS B 150 16.13 14.60 -28.12
CA LYS B 150 15.14 15.57 -27.66
C LYS B 150 14.18 16.01 -28.76
N GLU B 151 14.62 15.94 -30.02
CA GLU B 151 13.77 16.33 -31.14
C GLU B 151 12.74 15.26 -31.41
N LYS B 152 13.21 14.02 -31.50
CA LYS B 152 12.35 12.86 -31.74
C LYS B 152 11.23 12.86 -30.70
N PHE B 153 11.58 13.19 -29.47
CA PHE B 153 10.64 13.24 -28.37
C PHE B 153 9.67 14.39 -28.57
N ALA B 154 10.21 15.55 -28.96
CA ALA B 154 9.39 16.74 -29.19
C ALA B 154 8.32 16.44 -30.23
N LYS B 155 8.67 15.61 -31.20
CA LYS B 155 7.74 15.22 -32.26
C LYS B 155 6.63 14.31 -31.73
N LEU B 156 7.00 13.27 -30.98
CA LEU B 156 6.01 12.35 -30.42
C LEU B 156 5.00 13.11 -29.57
N CYS B 157 5.47 14.12 -28.86
CA CYS B 157 4.57 14.92 -28.02
C CYS B 157 3.51 15.54 -28.89
N GLU B 158 3.95 16.10 -30.02
CA GLU B 158 3.04 16.73 -30.95
C GLU B 158 2.11 15.69 -31.56
N ALA B 159 2.65 14.51 -31.82
CA ALA B 159 1.86 13.42 -32.39
C ALA B 159 0.81 12.93 -31.38
N HIS B 160 0.88 13.45 -30.15
CA HIS B 160 -0.04 13.07 -29.09
C HIS B 160 -0.79 14.29 -28.56
N GLY B 161 -0.94 15.30 -29.43
CA GLY B 161 -1.66 16.49 -29.03
C GLY B 161 -1.01 17.47 -28.09
N ILE B 162 0.21 17.18 -27.63
CA ILE B 162 0.88 18.13 -26.72
C ILE B 162 1.70 19.12 -27.54
N THR B 163 1.37 20.40 -27.38
CA THR B 163 2.03 21.48 -28.11
C THR B 163 3.47 21.73 -27.63
N ARG B 164 4.30 22.27 -28.53
CA ARG B 164 5.70 22.57 -28.24
C ARG B 164 5.86 23.56 -27.09
N ASP B 165 4.80 24.29 -26.75
CA ASP B 165 4.82 25.27 -25.66
C ASP B 165 4.70 24.56 -24.30
N ASN B 166 4.28 23.30 -24.31
CA ASN B 166 4.12 22.55 -23.07
C ASN B 166 5.17 21.50 -22.84
N ILE B 167 6.21 21.54 -23.66
CA ILE B 167 7.34 20.61 -23.55
C ILE B 167 8.40 21.33 -22.73
N ILE B 168 8.73 20.81 -21.56
CA ILE B 168 9.71 21.45 -20.69
C ILE B 168 11.00 20.66 -20.55
N ASP B 169 12.13 21.33 -20.78
CA ASP B 169 13.46 20.72 -20.68
C ASP B 169 13.97 20.95 -19.25
N LEU B 170 13.97 19.90 -18.44
CA LEU B 170 14.39 19.99 -17.06
C LEU B 170 15.90 20.03 -16.84
N THR B 171 16.67 19.78 -17.90
CA THR B 171 18.14 19.79 -17.77
C THR B 171 18.70 21.14 -17.40
N LYS B 172 17.95 22.19 -17.69
CA LYS B 172 18.41 23.52 -17.39
C LYS B 172 18.11 23.99 -15.97
N THR B 173 17.16 23.31 -15.31
CA THR B 173 16.76 23.61 -13.94
C THR B 173 17.37 22.70 -12.88
N ASP B 174 17.01 22.95 -11.62
CA ASP B 174 17.50 22.14 -10.50
C ASP B 174 16.65 20.89 -10.40
N ARG B 175 17.27 19.77 -10.72
CA ARG B 175 16.58 18.50 -10.66
C ARG B 175 16.90 17.88 -9.31
N CYS B 176 16.77 18.71 -8.28
CA CYS B 176 17.05 18.30 -6.91
C CYS B 176 18.39 17.64 -6.72
N LEU B 177 19.30 17.86 -7.67
CA LEU B 177 20.63 17.29 -7.56
C LEU B 177 21.38 18.06 -6.48
N GLU C 20 -33.14 1.08 -14.05
CA GLU C 20 -32.71 -0.05 -13.17
C GLU C 20 -31.30 -0.51 -13.56
N GLU C 21 -31.15 -1.04 -14.78
CA GLU C 21 -29.85 -1.52 -15.24
C GLU C 21 -28.90 -0.40 -15.66
N ALA C 22 -27.65 -0.52 -15.24
CA ALA C 22 -26.61 0.44 -15.57
C ALA C 22 -25.37 -0.37 -15.88
N SER C 23 -24.28 0.31 -16.23
CA SER C 23 -23.06 -0.41 -16.56
C SER C 23 -21.91 0.57 -16.65
N SER C 24 -20.76 0.19 -16.10
CA SER C 24 -19.58 1.06 -16.12
C SER C 24 -19.07 1.13 -17.54
N THR C 25 -19.09 -0.01 -18.22
CA THR C 25 -18.66 -0.10 -19.61
C THR C 25 -19.64 0.69 -20.49
N ARG C 26 -20.93 0.50 -20.26
CA ARG C 26 -21.97 1.22 -21.01
C ARG C 26 -21.84 2.71 -20.74
N GLY C 27 -21.28 3.05 -19.57
CA GLY C 27 -21.10 4.45 -19.21
C GLY C 27 -22.45 5.10 -18.95
N ASN C 28 -23.09 4.71 -17.86
CA ASN C 28 -24.39 5.22 -17.44
C ASN C 28 -24.60 4.85 -15.98
N LEU C 29 -23.64 4.10 -15.45
CA LEU C 29 -23.65 3.65 -14.07
C LEU C 29 -23.52 4.79 -13.07
N ASP C 30 -24.02 4.56 -11.87
CA ASP C 30 -23.97 5.50 -10.75
C ASP C 30 -23.36 4.67 -9.63
N VAL C 31 -22.03 4.55 -9.66
CA VAL C 31 -21.27 3.76 -8.69
C VAL C 31 -21.57 4.08 -7.23
N ALA C 32 -22.05 5.29 -6.97
CA ALA C 32 -22.40 5.70 -5.61
C ALA C 32 -23.44 4.80 -4.99
N LYS C 33 -24.35 4.28 -5.82
CA LYS C 33 -25.41 3.39 -5.34
C LYS C 33 -24.97 1.97 -5.04
N LEU C 34 -23.72 1.65 -5.35
CA LEU C 34 -23.18 0.31 -5.10
C LEU C 34 -22.73 0.17 -3.66
N ASN C 35 -22.73 1.28 -2.93
CA ASN C 35 -22.33 1.29 -1.53
C ASN C 35 -23.21 0.35 -0.72
N GLY C 36 -22.63 -0.40 0.21
CA GLY C 36 -23.43 -1.28 1.03
C GLY C 36 -22.99 -2.70 1.08
N ASP C 37 -23.81 -3.55 1.68
CA ASP C 37 -23.50 -4.96 1.81
C ASP C 37 -23.85 -5.76 0.59
N TRP C 38 -22.97 -6.70 0.25
CA TRP C 38 -23.16 -7.58 -0.89
C TRP C 38 -22.74 -8.96 -0.50
N PHE C 39 -23.26 -9.97 -1.19
CA PHE C 39 -22.93 -11.36 -0.90
C PHE C 39 -22.51 -12.03 -2.18
N SER C 40 -21.62 -13.01 -2.07
CA SER C 40 -21.15 -13.76 -3.23
C SER C 40 -22.18 -14.83 -3.57
N ILE C 41 -22.72 -14.78 -4.79
CA ILE C 41 -23.72 -15.72 -5.21
C ILE C 41 -23.18 -16.76 -6.20
N VAL C 42 -22.62 -16.30 -7.32
CA VAL C 42 -22.08 -17.20 -8.34
C VAL C 42 -20.77 -16.65 -8.90
N VAL C 43 -19.76 -17.50 -9.00
CA VAL C 43 -18.46 -17.13 -9.56
C VAL C 43 -18.19 -18.06 -10.72
N ALA C 44 -17.57 -17.54 -11.78
CA ALA C 44 -17.30 -18.36 -12.95
C ALA C 44 -15.98 -17.96 -13.58
N SER C 45 -15.16 -18.96 -13.88
CA SER C 45 -13.86 -18.74 -14.52
C SER C 45 -13.48 -20.00 -15.25
N ASN C 46 -12.91 -19.87 -16.44
CA ASN C 46 -12.49 -21.05 -17.18
C ASN C 46 -11.26 -21.67 -16.51
N LYS C 47 -10.53 -20.85 -15.75
CA LYS C 47 -9.35 -21.30 -14.99
C LYS C 47 -9.93 -21.73 -13.63
N ARG C 48 -10.76 -22.77 -13.70
CA ARG C 48 -11.49 -23.34 -12.57
C ARG C 48 -10.75 -23.51 -11.26
N GLU C 49 -9.45 -23.78 -11.33
CA GLU C 49 -8.60 -23.97 -10.15
C GLU C 49 -8.71 -22.77 -9.19
N LYS C 50 -8.87 -21.59 -9.76
CA LYS C 50 -8.96 -20.32 -9.04
C LYS C 50 -10.24 -20.12 -8.24
N ILE C 51 -11.36 -20.59 -8.78
CA ILE C 51 -12.65 -20.45 -8.11
C ILE C 51 -13.03 -21.66 -7.24
N GLU C 52 -12.20 -22.69 -7.27
CA GLU C 52 -12.46 -23.88 -6.47
C GLU C 52 -11.91 -23.72 -5.07
N GLU C 53 -12.14 -24.74 -4.24
CA GLU C 53 -11.67 -24.76 -2.85
C GLU C 53 -10.19 -24.34 -2.84
N ASN C 54 -9.84 -23.46 -1.91
CA ASN C 54 -8.47 -22.95 -1.78
C ASN C 54 -8.01 -22.05 -2.94
N GLY C 55 -8.94 -21.68 -3.83
CA GLY C 55 -8.61 -20.81 -4.94
C GLY C 55 -8.62 -19.37 -4.47
N SER C 56 -7.67 -18.58 -4.92
CA SER C 56 -7.57 -17.18 -4.52
C SER C 56 -8.76 -16.34 -4.93
N MET C 57 -9.40 -16.70 -6.04
CA MET C 57 -10.54 -15.95 -6.53
C MET C 57 -11.89 -16.36 -5.92
N ARG C 58 -11.90 -17.46 -5.17
CA ARG C 58 -13.14 -17.89 -4.51
C ARG C 58 -13.31 -17.02 -3.27
N VAL C 59 -13.74 -15.78 -3.48
CA VAL C 59 -13.93 -14.84 -2.38
C VAL C 59 -15.39 -14.67 -2.01
N PHE C 60 -15.63 -14.51 -0.73
CA PHE C 60 -16.96 -14.33 -0.20
C PHE C 60 -17.15 -12.87 0.20
N MET C 61 -17.70 -12.10 -0.72
CA MET C 61 -17.93 -10.67 -0.52
C MET C 61 -18.78 -10.38 0.69
N GLN C 62 -18.61 -9.18 1.25
CA GLN C 62 -19.36 -8.75 2.42
C GLN C 62 -19.89 -7.33 2.29
N HIS C 63 -19.04 -6.40 1.88
CA HIS C 63 -19.43 -5.01 1.77
C HIS C 63 -18.57 -4.28 0.74
N ILE C 64 -19.17 -3.29 0.07
CA ILE C 64 -18.47 -2.48 -0.91
C ILE C 64 -18.58 -1.02 -0.46
N ASP C 65 -17.45 -0.35 -0.34
CA ASP C 65 -17.40 1.06 0.05
C ASP C 65 -17.04 1.91 -1.15
N VAL C 66 -17.73 3.02 -1.32
CA VAL C 66 -17.43 3.88 -2.44
C VAL C 66 -16.58 5.05 -1.92
N LEU C 67 -15.30 5.05 -2.29
CA LEU C 67 -14.35 6.06 -1.85
C LEU C 67 -13.96 7.04 -2.95
N GLU C 68 -12.96 7.87 -2.71
CA GLU C 68 -12.51 8.83 -3.72
C GLU C 68 -11.72 8.19 -4.85
N ASN C 69 -12.28 8.24 -6.06
CA ASN C 69 -11.64 7.66 -7.24
C ASN C 69 -11.33 6.16 -7.05
N SER C 70 -12.09 5.50 -6.18
CA SER C 70 -11.88 4.08 -5.93
C SER C 70 -13.04 3.38 -5.20
N LEU C 71 -12.90 2.07 -5.05
CA LEU C 71 -13.88 1.23 -4.38
C LEU C 71 -13.17 0.35 -3.35
N GLY C 72 -13.74 0.21 -2.17
CA GLY C 72 -13.15 -0.63 -1.16
C GLY C 72 -13.95 -1.91 -1.10
N PHE C 73 -13.30 -3.04 -0.93
CA PHE C 73 -13.99 -4.32 -0.87
C PHE C 73 -13.61 -5.07 0.39
N LYS C 74 -14.59 -5.32 1.26
CA LYS C 74 -14.33 -6.09 2.47
C LYS C 74 -14.94 -7.45 2.21
N PHE C 75 -14.11 -8.49 2.26
CA PHE C 75 -14.59 -9.84 1.97
C PHE C 75 -13.85 -10.88 2.79
N ARG C 76 -14.33 -12.12 2.75
CA ARG C 76 -13.70 -13.21 3.48
C ARG C 76 -13.18 -14.26 2.52
N ILE C 77 -12.18 -14.99 2.98
CA ILE C 77 -11.60 -16.03 2.17
C ILE C 77 -11.11 -17.14 3.07
N LYS C 78 -11.38 -18.38 2.69
CA LYS C 78 -10.98 -19.54 3.47
C LYS C 78 -9.59 -19.98 3.07
N GLU C 79 -8.61 -19.58 3.86
CA GLU C 79 -7.21 -19.93 3.60
C GLU C 79 -6.90 -21.05 4.59
N ASN C 80 -6.83 -22.29 4.09
CA ASN C 80 -6.54 -23.47 4.92
C ASN C 80 -7.56 -23.67 6.03
N GLY C 81 -8.82 -23.84 5.63
CA GLY C 81 -9.91 -24.07 6.57
C GLY C 81 -10.09 -22.95 7.56
N GLU C 82 -9.58 -21.77 7.25
CA GLU C 82 -9.73 -20.64 8.15
C GLU C 82 -10.10 -19.38 7.42
N CYS C 83 -11.31 -18.92 7.72
CA CYS C 83 -11.86 -17.73 7.11
C CYS C 83 -11.15 -16.47 7.55
N ARG C 84 -10.33 -15.94 6.64
CA ARG C 84 -9.55 -14.73 6.86
C ARG C 84 -10.35 -13.52 6.36
N GLU C 85 -10.32 -12.44 7.13
CA GLU C 85 -11.01 -11.19 6.80
C GLU C 85 -10.05 -10.24 6.10
N LEU C 86 -10.40 -9.78 4.90
CA LEU C 86 -9.54 -8.88 4.13
C LEU C 86 -10.27 -7.65 3.62
N TYR C 87 -9.54 -6.70 3.06
CA TYR C 87 -10.11 -5.47 2.52
C TYR C 87 -9.15 -4.93 1.47
N LEU C 88 -9.63 -4.80 0.23
CA LEU C 88 -8.79 -4.31 -0.86
C LEU C 88 -9.37 -3.06 -1.48
N VAL C 89 -8.50 -2.17 -1.92
CA VAL C 89 -8.93 -0.95 -2.58
C VAL C 89 -8.61 -1.08 -4.07
N ALA C 90 -9.59 -0.76 -4.90
CA ALA C 90 -9.45 -0.83 -6.35
C ALA C 90 -9.52 0.61 -6.85
N TYR C 91 -8.58 1.00 -7.70
CA TYR C 91 -8.55 2.36 -8.22
C TYR C 91 -9.14 2.52 -9.59
N LYS C 92 -9.76 3.66 -9.83
CA LYS C 92 -10.36 3.96 -11.11
C LYS C 92 -9.24 4.35 -12.08
N THR C 93 -9.26 3.77 -13.28
CA THR C 93 -8.24 4.08 -14.28
C THR C 93 -8.80 5.01 -15.34
N PRO C 94 -7.93 5.59 -16.19
CA PRO C 94 -8.40 6.49 -17.24
C PRO C 94 -9.23 5.87 -18.37
N GLU C 95 -9.29 4.54 -18.47
CA GLU C 95 -10.07 3.87 -19.51
C GLU C 95 -11.49 3.49 -19.05
N ASP C 96 -12.51 4.04 -19.72
CA ASP C 96 -13.93 3.85 -19.38
C ASP C 96 -14.44 2.62 -18.63
N GLY C 97 -14.69 2.86 -17.34
CA GLY C 97 -15.22 1.84 -16.47
C GLY C 97 -14.25 0.86 -15.87
N GLU C 98 -12.97 1.00 -16.20
CA GLU C 98 -11.95 0.09 -15.69
C GLU C 98 -11.37 0.47 -14.35
N TYR C 99 -11.26 -0.53 -13.48
CA TYR C 99 -10.70 -0.37 -12.16
C TYR C 99 -9.51 -1.31 -12.08
N PHE C 100 -8.52 -0.95 -11.27
CA PHE C 100 -7.35 -1.79 -11.08
C PHE C 100 -7.18 -2.16 -9.63
N VAL C 101 -6.82 -3.41 -9.37
CA VAL C 101 -6.58 -3.88 -8.01
C VAL C 101 -5.49 -4.95 -8.09
N GLU C 102 -4.52 -4.84 -7.19
CA GLU C 102 -3.44 -5.79 -7.14
C GLU C 102 -3.86 -6.90 -6.20
N TYR C 103 -4.04 -8.09 -6.73
CA TYR C 103 -4.44 -9.24 -5.93
C TYR C 103 -4.16 -10.51 -6.71
N ASP C 104 -3.12 -11.24 -6.31
CA ASP C 104 -2.75 -12.47 -6.99
C ASP C 104 -2.46 -12.11 -8.45
N GLY C 105 -1.79 -10.96 -8.63
CA GLY C 105 -1.46 -10.44 -9.94
C GLY C 105 -2.08 -9.08 -10.18
N GLY C 106 -2.06 -8.62 -11.42
CA GLY C 106 -2.63 -7.33 -11.75
C GLY C 106 -4.01 -7.59 -12.29
N ASN C 107 -5.02 -6.97 -11.68
CA ASN C 107 -6.39 -7.17 -12.10
C ASN C 107 -7.06 -5.94 -12.67
N THR C 108 -7.81 -6.15 -13.75
CA THR C 108 -8.56 -5.09 -14.38
C THR C 108 -10.01 -5.59 -14.41
N PHE C 109 -10.91 -4.81 -13.82
CA PHE C 109 -12.31 -5.22 -13.82
C PHE C 109 -13.28 -4.10 -14.16
N THR C 110 -14.48 -4.49 -14.58
CA THR C 110 -15.54 -3.55 -14.94
C THR C 110 -16.87 -4.02 -14.37
N ILE C 111 -17.80 -3.08 -14.26
CA ILE C 111 -19.13 -3.37 -13.75
C ILE C 111 -19.96 -3.66 -14.99
N LEU C 112 -20.18 -4.94 -15.22
CA LEU C 112 -20.90 -5.42 -16.38
C LEU C 112 -22.37 -5.05 -16.40
N LYS C 113 -23.08 -5.36 -15.32
CA LYS C 113 -24.52 -5.07 -15.22
C LYS C 113 -24.97 -4.98 -13.76
N THR C 114 -25.85 -4.03 -13.48
CA THR C 114 -26.35 -3.85 -12.11
C THR C 114 -27.72 -3.19 -12.13
N ASP C 115 -28.56 -3.55 -11.16
CA ASP C 115 -29.89 -2.96 -11.04
C ASP C 115 -29.89 -2.20 -9.71
N TYR C 116 -28.71 -2.17 -9.09
CA TYR C 116 -28.41 -1.49 -7.84
C TYR C 116 -28.85 -2.12 -6.51
N ASP C 117 -30.12 -2.45 -6.37
CA ASP C 117 -30.59 -3.03 -5.10
C ASP C 117 -30.81 -4.53 -5.07
N ARG C 118 -30.32 -5.22 -6.08
CA ARG C 118 -30.44 -6.66 -6.11
C ARG C 118 -29.15 -7.34 -6.47
N TYR C 119 -28.67 -7.06 -7.69
CA TYR C 119 -27.45 -7.69 -8.18
C TYR C 119 -26.43 -6.74 -8.81
N VAL C 120 -25.23 -7.29 -8.99
CA VAL C 120 -24.12 -6.60 -9.64
C VAL C 120 -23.20 -7.66 -10.22
N MET C 121 -22.96 -7.57 -11.51
CA MET C 121 -22.11 -8.52 -12.20
C MET C 121 -20.81 -7.82 -12.57
N PHE C 122 -19.70 -8.38 -12.10
CA PHE C 122 -18.39 -7.82 -12.39
C PHE C 122 -17.68 -8.75 -13.35
N HIS C 123 -16.84 -8.19 -14.20
CA HIS C 123 -16.06 -8.96 -15.15
C HIS C 123 -14.60 -8.59 -14.90
N LEU C 124 -13.77 -9.58 -14.59
CA LEU C 124 -12.38 -9.33 -14.28
C LEU C 124 -11.37 -10.14 -15.08
N ILE C 125 -10.27 -9.50 -15.45
CA ILE C 125 -9.18 -10.14 -16.16
C ILE C 125 -7.97 -10.09 -15.23
N ASN C 126 -7.26 -11.20 -15.11
CA ASN C 126 -6.09 -11.25 -14.24
C ASN C 126 -4.80 -11.48 -15.01
N PHE C 127 -3.72 -10.82 -14.59
CA PHE C 127 -2.43 -11.00 -15.24
C PHE C 127 -1.39 -11.35 -14.18
N LYS C 128 -0.66 -12.44 -14.43
CA LYS C 128 0.36 -12.85 -13.49
C LYS C 128 1.39 -13.75 -14.15
N ASN C 129 2.61 -13.25 -14.22
CA ASN C 129 3.74 -13.98 -14.81
C ASN C 129 3.44 -14.42 -16.24
N GLY C 130 3.16 -13.44 -17.10
CA GLY C 130 2.87 -13.74 -18.49
C GLY C 130 1.50 -14.28 -18.82
N GLU C 131 0.81 -14.85 -17.83
CA GLU C 131 -0.53 -15.42 -18.05
C GLU C 131 -1.70 -14.54 -17.62
N THR C 132 -2.85 -14.80 -18.25
CA THR C 132 -4.09 -14.08 -17.97
C THR C 132 -5.26 -15.06 -17.90
N PHE C 133 -6.37 -14.59 -17.33
CA PHE C 133 -7.59 -15.38 -17.22
C PHE C 133 -8.76 -14.51 -16.85
N GLN C 134 -9.94 -14.87 -17.35
CA GLN C 134 -11.16 -14.14 -17.08
C GLN C 134 -11.83 -14.68 -15.83
N LEU C 135 -12.58 -13.80 -15.17
CA LEU C 135 -13.32 -14.14 -13.98
C LEU C 135 -14.60 -13.31 -13.98
N MET C 136 -15.74 -13.94 -13.69
CA MET C 136 -17.00 -13.22 -13.65
C MET C 136 -17.74 -13.56 -12.37
N VAL C 137 -18.24 -12.54 -11.69
CA VAL C 137 -18.95 -12.77 -10.45
C VAL C 137 -20.29 -12.05 -10.38
N LEU C 138 -21.21 -12.68 -9.66
CA LEU C 138 -22.54 -12.14 -9.44
C LEU C 138 -22.68 -11.92 -7.95
N TYR C 139 -22.95 -10.68 -7.53
CA TYR C 139 -23.15 -10.35 -6.13
C TYR C 139 -24.60 -9.96 -5.94
N GLY C 140 -25.16 -10.33 -4.79
CA GLY C 140 -26.53 -9.98 -4.52
C GLY C 140 -26.56 -9.27 -3.19
N ARG C 141 -27.56 -8.41 -2.97
CA ARG C 141 -27.68 -7.70 -1.70
C ARG C 141 -28.24 -8.64 -0.65
N THR C 142 -28.71 -9.80 -1.13
CA THR C 142 -29.29 -10.85 -0.30
C THR C 142 -28.43 -12.09 -0.38
N LYS C 143 -28.54 -12.98 0.62
CA LYS C 143 -27.75 -14.20 0.67
C LYS C 143 -27.91 -15.09 -0.56
N ASP C 144 -29.01 -14.91 -1.28
CA ASP C 144 -29.24 -15.68 -2.50
C ASP C 144 -30.06 -14.81 -3.45
N LEU C 145 -30.10 -15.21 -4.72
CA LEU C 145 -30.83 -14.44 -5.71
C LEU C 145 -31.75 -15.28 -6.55
N SER C 146 -32.61 -14.57 -7.27
CA SER C 146 -33.60 -15.12 -8.17
C SER C 146 -32.96 -16.08 -9.17
N SER C 147 -33.64 -17.18 -9.44
CA SER C 147 -33.17 -18.19 -10.38
C SER C 147 -33.03 -17.55 -11.75
N ASP C 148 -33.78 -16.48 -11.97
CA ASP C 148 -33.77 -15.74 -13.22
C ASP C 148 -32.47 -14.95 -13.33
N ILE C 149 -32.07 -14.32 -12.22
CA ILE C 149 -30.84 -13.53 -12.21
C ILE C 149 -29.67 -14.45 -12.48
N LYS C 150 -29.71 -15.64 -11.91
CA LYS C 150 -28.64 -16.60 -12.10
C LYS C 150 -28.54 -17.10 -13.53
N GLU C 151 -29.65 -17.09 -14.26
CA GLU C 151 -29.66 -17.56 -15.65
C GLU C 151 -29.02 -16.52 -16.55
N LYS C 152 -29.46 -15.27 -16.40
CA LYS C 152 -28.94 -14.15 -17.16
C LYS C 152 -27.43 -14.11 -17.03
N PHE C 153 -26.95 -14.38 -15.81
CA PHE C 153 -25.53 -14.38 -15.53
C PHE C 153 -24.87 -15.56 -16.20
N ALA C 154 -25.50 -16.73 -16.13
CA ALA C 154 -24.98 -17.94 -16.75
C ALA C 154 -24.77 -17.72 -18.24
N LYS C 155 -25.65 -16.93 -18.85
CA LYS C 155 -25.57 -16.61 -20.26
C LYS C 155 -24.38 -15.69 -20.56
N LEU C 156 -24.24 -14.61 -19.80
CA LEU C 156 -23.13 -13.69 -20.00
C LEU C 156 -21.79 -14.41 -19.90
N CYS C 157 -21.70 -15.39 -19.00
CA CYS C 157 -20.48 -16.15 -18.85
C CYS C 157 -20.17 -16.84 -20.16
N GLU C 158 -21.18 -17.45 -20.74
CA GLU C 158 -21.02 -18.14 -22.01
C GLU C 158 -20.67 -17.16 -23.12
N ALA C 159 -21.27 -15.98 -23.05
CA ALA C 159 -21.01 -14.93 -24.04
C ALA C 159 -19.57 -14.41 -23.89
N HIS C 160 -18.87 -14.87 -22.85
CA HIS C 160 -17.51 -14.46 -22.60
C HIS C 160 -16.56 -15.66 -22.58
N GLY C 161 -16.95 -16.71 -23.29
CA GLY C 161 -16.12 -17.89 -23.36
C GLY C 161 -16.06 -18.81 -22.16
N ILE C 162 -16.74 -18.48 -21.08
CA ILE C 162 -16.71 -19.36 -19.90
C ILE C 162 -17.84 -20.38 -20.00
N THR C 163 -17.46 -21.66 -20.00
CA THR C 163 -18.42 -22.76 -20.12
C THR C 163 -19.25 -22.96 -18.86
N ARG C 164 -20.45 -23.52 -19.04
CA ARG C 164 -21.38 -23.79 -17.94
C ARG C 164 -20.79 -24.72 -16.88
N ASP C 165 -19.73 -25.44 -17.22
CA ASP C 165 -19.08 -26.36 -16.29
C ASP C 165 -18.17 -25.59 -15.33
N ASN C 166 -17.86 -24.34 -15.65
CA ASN C 166 -16.98 -23.54 -14.81
C ASN C 166 -17.69 -22.45 -14.03
N ILE C 167 -19.03 -22.51 -14.05
CA ILE C 167 -19.86 -21.55 -13.34
C ILE C 167 -20.20 -22.22 -11.99
N ILE C 168 -19.75 -21.64 -10.89
CA ILE C 168 -19.99 -22.20 -9.57
C ILE C 168 -20.94 -21.39 -8.72
N ASP C 169 -21.97 -22.05 -8.19
CA ASP C 169 -22.96 -21.41 -7.33
C ASP C 169 -22.51 -21.56 -5.87
N LEU C 170 -22.02 -20.47 -5.29
CA LEU C 170 -21.52 -20.48 -3.92
C LEU C 170 -22.58 -20.48 -2.84
N THR C 171 -23.84 -20.27 -3.21
CA THR C 171 -24.93 -20.25 -2.22
C THR C 171 -25.13 -21.58 -1.52
N LYS C 172 -24.69 -22.65 -2.16
CA LYS C 172 -24.85 -23.95 -1.57
C LYS C 172 -23.73 -24.36 -0.60
N THR C 173 -22.60 -23.66 -0.70
CA THR C 173 -21.44 -23.90 0.16
C THR C 173 -21.29 -22.92 1.34
N ASP C 174 -20.23 -23.11 2.13
CA ASP C 174 -19.96 -22.24 3.27
C ASP C 174 -19.25 -21.01 2.77
N ARG C 175 -19.95 -19.89 2.83
CA ARG C 175 -19.39 -18.62 2.40
C ARG C 175 -18.82 -17.93 3.63
N CYS C 176 -18.09 -18.71 4.41
CA CYS C 176 -17.49 -18.23 5.64
C CYS C 176 -18.45 -17.53 6.57
N LEU C 177 -19.74 -17.80 6.38
CA LEU C 177 -20.72 -17.18 7.25
C LEU C 177 -20.66 -17.89 8.60
N GLU D 20 32.62 4.92 14.62
CA GLU D 20 32.34 3.76 13.73
C GLU D 20 30.99 3.14 14.09
N GLU D 21 30.88 2.58 15.30
CA GLU D 21 29.63 1.95 15.73
C GLU D 21 28.55 2.96 16.12
N ALA D 22 27.33 2.68 15.66
CA ALA D 22 26.17 3.52 15.96
C ALA D 22 25.03 2.57 16.24
N SER D 23 23.86 3.11 16.56
CA SER D 23 22.71 2.26 16.86
C SER D 23 21.46 3.09 16.91
N SER D 24 20.38 2.57 16.33
CA SER D 24 19.10 3.30 16.32
C SER D 24 18.55 3.31 17.73
N THR D 25 18.69 2.18 18.40
CA THR D 25 18.23 2.03 19.78
C THR D 25 19.08 2.94 20.69
N ARG D 26 20.40 2.90 20.49
CA ARG D 26 21.33 3.73 21.27
C ARG D 26 21.02 5.21 20.98
N GLY D 27 20.46 5.48 19.82
CA GLY D 27 20.14 6.85 19.44
C GLY D 27 21.40 7.65 19.21
N ASN D 28 22.10 7.34 18.13
CA ASN D 28 23.34 8.00 17.76
C ASN D 28 23.65 7.67 16.31
N LEU D 29 22.80 6.80 15.75
CA LEU D 29 22.89 6.36 14.38
C LEU D 29 22.66 7.48 13.36
N ASP D 30 23.22 7.31 12.18
CA ASP D 30 23.08 8.24 11.07
C ASP D 30 22.61 7.34 9.92
N VAL D 31 21.31 7.06 9.92
CA VAL D 31 20.67 6.19 8.93
C VAL D 31 20.98 6.55 7.47
N ALA D 32 21.31 7.81 7.23
CA ALA D 32 21.65 8.26 5.88
C ALA D 32 22.81 7.48 5.29
N LYS D 33 23.74 7.07 6.14
CA LYS D 33 24.91 6.32 5.70
C LYS D 33 24.66 4.86 5.39
N LEU D 34 23.44 4.39 5.66
CA LEU D 34 23.07 3.00 5.41
C LEU D 34 22.68 2.80 3.95
N ASN D 35 22.57 3.90 3.22
CA ASN D 35 22.22 3.87 1.81
C ASN D 35 23.23 3.05 1.03
N GLY D 36 22.75 2.24 0.08
CA GLY D 36 23.68 1.47 -0.71
C GLY D 36 23.41 -0.02 -0.77
N ASP D 37 24.34 -0.76 -1.35
CA ASP D 37 24.21 -2.19 -1.49
C ASP D 37 24.62 -2.96 -0.26
N TRP D 38 23.84 -3.99 0.06
CA TRP D 38 24.11 -4.83 1.22
C TRP D 38 23.85 -6.26 0.81
N PHE D 39 24.48 -7.20 1.51
CA PHE D 39 24.32 -8.62 1.22
C PHE D 39 23.94 -9.34 2.50
N SER D 40 23.19 -10.42 2.36
CA SER D 40 22.77 -11.21 3.52
C SER D 40 23.91 -12.15 3.88
N ILE D 41 24.40 -12.03 5.11
CA ILE D 41 25.50 -12.87 5.57
C ILE D 41 25.06 -13.96 6.54
N VAL D 42 24.41 -13.57 7.64
CA VAL D 42 23.96 -14.53 8.65
C VAL D 42 22.57 -14.13 9.17
N VAL D 43 21.67 -15.10 9.24
CA VAL D 43 20.31 -14.89 9.76
C VAL D 43 20.13 -15.84 10.93
N ALA D 44 19.42 -15.41 11.96
CA ALA D 44 19.22 -16.25 13.13
C ALA D 44 17.85 -16.00 13.72
N SER D 45 17.14 -17.10 14.00
CA SER D 45 15.81 -17.03 14.60
C SER D 45 15.56 -18.33 15.33
N ASN D 46 14.95 -18.26 16.50
CA ASN D 46 14.64 -19.49 17.23
C ASN D 46 13.52 -20.25 16.53
N LYS D 47 12.70 -19.52 15.75
CA LYS D 47 11.61 -20.12 14.95
C LYS D 47 12.28 -20.47 13.62
N ARG D 48 13.22 -21.40 13.71
CA ARG D 48 14.05 -21.88 12.61
C ARG D 48 13.37 -22.13 11.27
N GLU D 49 12.11 -22.55 11.30
CA GLU D 49 11.33 -22.84 10.10
C GLU D 49 11.32 -21.64 9.14
N LYS D 50 11.32 -20.43 9.71
CA LYS D 50 11.29 -19.17 9.00
C LYS D 50 12.55 -18.81 8.23
N ILE D 51 13.70 -19.17 8.80
CA ILE D 51 14.98 -18.87 8.16
C ILE D 51 15.51 -20.02 7.31
N GLU D 52 14.83 -21.15 7.32
CA GLU D 52 15.24 -22.30 6.53
C GLU D 52 14.73 -22.20 5.11
N GLU D 53 15.09 -23.19 4.29
CA GLU D 53 14.66 -23.26 2.89
C GLU D 53 13.15 -23.02 2.84
N ASN D 54 12.72 -22.19 1.90
CA ASN D 54 11.31 -21.84 1.73
C ASN D 54 10.72 -20.99 2.87
N GLY D 55 11.57 -20.52 3.78
CA GLY D 55 11.11 -19.69 4.89
C GLY D 55 10.96 -18.27 4.41
N SER D 56 9.90 -17.60 4.84
CA SER D 56 9.65 -16.22 4.43
C SER D 56 10.73 -15.24 4.87
N MET D 57 11.38 -15.53 6.00
CA MET D 57 12.40 -14.64 6.52
C MET D 57 13.81 -14.89 5.95
N ARG D 58 13.97 -15.98 5.20
CA ARG D 58 15.27 -16.27 4.58
C ARG D 58 15.38 -15.38 3.33
N VAL D 59 15.64 -14.10 3.55
CA VAL D 59 15.75 -13.14 2.46
C VAL D 59 17.19 -12.80 2.14
N PHE D 60 17.45 -12.60 0.85
CA PHE D 60 18.77 -12.28 0.36
C PHE D 60 18.79 -10.81 -0.04
N MET D 61 19.22 -9.98 0.90
CA MET D 61 19.29 -8.53 0.71
C MET D 61 20.13 -8.13 -0.49
N GLN D 62 19.84 -6.96 -1.05
CA GLN D 62 20.56 -6.44 -2.19
C GLN D 62 20.92 -4.97 -2.06
N HIS D 63 19.95 -4.15 -1.67
CA HIS D 63 20.17 -2.71 -1.56
C HIS D 63 19.21 -2.10 -0.56
N ILE D 64 19.66 -1.05 0.12
CA ILE D 64 18.84 -0.33 1.08
C ILE D 64 18.79 1.13 0.64
N ASP D 65 17.59 1.67 0.48
CA ASP D 65 17.39 3.06 0.09
C ASP D 65 16.90 3.86 1.28
N VAL D 66 17.45 5.05 1.47
CA VAL D 66 17.03 5.86 2.58
C VAL D 66 16.05 6.91 2.03
N LEU D 67 14.77 6.78 2.38
CA LEU D 67 13.72 7.67 1.89
C LEU D 67 13.19 8.60 2.98
N GLU D 68 12.10 9.30 2.71
CA GLU D 68 11.50 10.20 3.71
C GLU D 68 10.77 9.47 4.82
N ASN D 69 11.29 9.58 6.04
CA ASN D 69 10.69 8.93 7.21
C ASN D 69 10.57 7.40 7.01
N SER D 70 11.43 6.84 6.16
CA SER D 70 11.39 5.41 5.91
C SER D 70 12.65 4.85 5.22
N LEU D 71 12.67 3.53 5.05
CA LEU D 71 13.76 2.81 4.42
C LEU D 71 13.18 1.86 3.37
N GLY D 72 13.80 1.79 2.20
CA GLY D 72 13.34 0.87 1.19
C GLY D 72 14.29 -0.29 1.16
N PHE D 73 13.78 -1.50 0.97
CA PHE D 73 14.62 -2.68 0.93
C PHE D 73 14.37 -3.47 -0.34
N LYS D 74 15.38 -3.60 -1.19
CA LYS D 74 15.26 -4.39 -2.40
C LYS D 74 16.00 -5.67 -2.13
N PHE D 75 15.31 -6.81 -2.18
CA PHE D 75 15.94 -8.08 -1.88
C PHE D 75 15.34 -9.21 -2.71
N ARG D 76 15.97 -10.39 -2.65
CA ARG D 76 15.50 -11.54 -3.40
C ARG D 76 15.08 -12.64 -2.46
N ILE D 77 14.19 -13.49 -2.94
CA ILE D 77 13.70 -14.59 -2.14
C ILE D 77 13.37 -15.76 -3.07
N LYS D 78 13.79 -16.95 -2.67
CA LYS D 78 13.56 -18.15 -3.47
C LYS D 78 12.20 -18.75 -3.10
N GLU D 79 11.20 -18.47 -3.92
CA GLU D 79 9.85 -18.99 -3.70
C GLU D 79 9.70 -20.13 -4.68
N ASN D 80 9.76 -21.37 -4.19
CA ASN D 80 9.64 -22.57 -5.02
C ASN D 80 10.71 -22.65 -6.10
N GLY D 81 11.97 -22.67 -5.66
CA GLY D 81 13.09 -22.77 -6.58
C GLY D 81 13.19 -21.63 -7.57
N GLU D 82 12.52 -20.51 -7.27
CA GLU D 82 12.56 -19.38 -8.18
C GLU D 82 12.76 -18.09 -7.43
N CYS D 83 13.91 -17.49 -7.69
CA CYS D 83 14.31 -16.24 -7.08
C CYS D 83 13.47 -15.07 -7.53
N ARG D 84 12.56 -14.65 -6.66
CA ARG D 84 11.65 -13.53 -6.90
C ARG D 84 12.28 -12.25 -6.37
N GLU D 85 12.15 -11.17 -7.15
CA GLU D 85 12.69 -9.85 -6.80
C GLU D 85 11.59 -9.01 -6.13
N LEU D 86 11.85 -8.53 -4.93
CA LEU D 86 10.88 -7.73 -4.18
C LEU D 86 11.44 -6.42 -3.66
N TYR D 87 10.58 -5.57 -3.13
CA TYR D 87 10.99 -4.28 -2.57
C TYR D 87 9.95 -3.86 -1.55
N LEU D 88 10.37 -3.68 -0.30
CA LEU D 88 9.46 -3.29 0.77
C LEU D 88 9.87 -1.98 1.40
N VAL D 89 8.88 -1.20 1.82
CA VAL D 89 9.15 0.06 2.49
C VAL D 89 8.81 -0.10 3.97
N ALA D 90 9.72 0.33 4.83
CA ALA D 90 9.55 0.24 6.27
C ALA D 90 9.43 1.68 6.77
N TYR D 91 8.42 1.96 7.59
CA TYR D 91 8.22 3.29 8.10
C TYR D 91 8.74 3.53 9.50
N LYS D 92 9.23 4.74 9.74
CA LYS D 92 9.75 5.10 11.05
C LYS D 92 8.57 5.35 11.99
N THR D 93 8.62 4.79 13.19
CA THR D 93 7.53 4.96 14.15
C THR D 93 7.96 5.95 15.23
N PRO D 94 7.01 6.43 16.05
CA PRO D 94 7.34 7.38 17.11
C PRO D 94 8.21 6.85 18.27
N GLU D 95 8.41 5.54 18.36
CA GLU D 95 9.24 4.97 19.45
C GLU D 95 10.70 4.76 19.01
N ASP D 96 11.63 5.41 19.71
CA ASP D 96 13.07 5.41 19.41
C ASP D 96 13.75 4.25 18.68
N GLY D 97 14.00 4.51 17.40
CA GLY D 97 14.68 3.56 16.55
C GLY D 97 13.85 2.48 15.92
N GLU D 98 12.54 2.47 16.21
CA GLU D 98 11.66 1.44 15.67
C GLU D 98 11.07 1.75 14.32
N TYR D 99 11.11 0.74 13.46
CA TYR D 99 10.58 0.83 12.12
C TYR D 99 9.50 -0.24 12.01
N PHE D 100 8.49 0.01 11.16
CA PHE D 100 7.44 -0.97 10.94
C PHE D 100 7.36 -1.35 9.48
N VAL D 101 7.15 -2.64 9.23
CA VAL D 101 7.01 -3.13 7.87
C VAL D 101 6.05 -4.31 7.91
N GLU D 102 5.10 -4.32 6.99
CA GLU D 102 4.14 -5.40 6.91
C GLU D 102 4.71 -6.44 5.97
N TYR D 103 5.03 -7.61 6.52
CA TYR D 103 5.58 -8.70 5.74
C TYR D 103 5.42 -9.99 6.51
N ASP D 104 4.49 -10.84 6.08
CA ASP D 104 4.24 -12.10 6.76
C ASP D 104 3.88 -11.79 8.20
N GLY D 105 3.08 -10.72 8.36
CA GLY D 105 2.65 -10.25 9.66
C GLY D 105 3.09 -8.83 9.91
N GLY D 106 2.99 -8.38 11.15
CA GLY D 106 3.39 -7.03 11.50
C GLY D 106 4.78 -7.12 12.08
N ASN D 107 5.72 -6.39 11.49
CA ASN D 107 7.10 -6.42 11.95
C ASN D 107 7.60 -5.12 12.54
N THR D 108 8.34 -5.24 13.63
CA THR D 108 8.95 -4.10 14.29
C THR D 108 10.43 -4.42 14.35
N PHE D 109 11.26 -3.55 13.79
CA PHE D 109 12.69 -3.78 13.82
C PHE D 109 13.52 -2.57 14.20
N THR D 110 14.74 -2.81 14.65
CA THR D 110 15.66 -1.75 15.03
C THR D 110 17.06 -2.05 14.50
N ILE D 111 17.88 -1.01 14.41
CA ILE D 111 19.25 -1.15 13.96
C ILE D 111 20.07 -1.33 15.21
N LEU D 112 20.43 -2.58 15.44
CA LEU D 112 21.17 -2.98 16.63
C LEU D 112 22.59 -2.44 16.69
N LYS D 113 23.36 -2.66 15.62
CA LYS D 113 24.75 -2.20 15.56
C LYS D 113 25.23 -2.05 14.12
N THR D 114 26.00 -1.01 13.86
CA THR D 114 26.51 -0.77 12.51
C THR D 114 27.80 0.05 12.57
N ASP D 115 28.70 -0.20 11.63
CA ASP D 115 29.94 0.54 11.53
C ASP D 115 29.90 1.29 10.20
N TYR D 116 28.74 1.18 9.55
CA TYR D 116 28.41 1.82 8.28
C TYR D 116 28.94 1.25 6.97
N ASP D 117 30.25 1.07 6.87
CA ASP D 117 30.82 0.55 5.62
C ASP D 117 31.22 -0.91 5.60
N ARG D 118 30.78 -1.66 6.60
CA ARG D 118 31.08 -3.07 6.63
C ARG D 118 29.86 -3.90 6.97
N TYR D 119 29.32 -3.69 8.17
CA TYR D 119 28.17 -4.45 8.62
C TYR D 119 27.02 -3.63 9.21
N VAL D 120 25.89 -4.31 9.37
CA VAL D 120 24.70 -3.75 9.98
C VAL D 120 23.89 -4.93 10.53
N MET D 121 23.61 -4.86 11.82
CA MET D 121 22.85 -5.91 12.49
C MET D 121 21.47 -5.36 12.82
N PHE D 122 20.45 -6.06 12.33
CA PHE D 122 19.08 -5.65 12.58
C PHE D 122 18.46 -6.66 13.52
N HIS D 123 17.52 -6.20 14.34
CA HIS D 123 16.81 -7.07 15.26
C HIS D 123 15.33 -6.87 14.97
N LEU D 124 14.64 -7.94 14.66
CA LEU D 124 13.23 -7.86 14.30
C LEU D 124 12.31 -8.79 15.08
N ILE D 125 11.13 -8.28 15.41
CA ILE D 125 10.10 -9.05 16.10
C ILE D 125 8.92 -9.14 15.13
N ASN D 126 8.35 -10.33 15.00
CA ASN D 126 7.22 -10.51 14.09
C ASN D 126 5.94 -10.89 14.83
N PHE D 127 4.81 -10.36 14.38
CA PHE D 127 3.52 -10.70 14.98
C PHE D 127 2.56 -11.17 13.90
N LYS D 128 1.97 -12.33 14.12
CA LYS D 128 1.03 -12.87 13.16
C LYS D 128 0.09 -13.88 13.80
N ASN D 129 -1.19 -13.53 13.83
CA ASN D 129 -2.23 -14.38 14.39
C ASN D 129 -1.93 -14.78 15.83
N GLY D 130 -1.78 -13.79 16.70
CA GLY D 130 -1.51 -14.04 18.10
C GLY D 130 -0.08 -14.42 18.46
N GLU D 131 0.69 -14.91 17.50
CA GLU D 131 2.08 -15.30 17.76
C GLU D 131 3.16 -14.30 17.36
N THR D 132 4.31 -14.42 18.02
CA THR D 132 5.46 -13.56 17.77
C THR D 132 6.74 -14.40 17.73
N PHE D 133 7.81 -13.80 17.19
CA PHE D 133 9.11 -14.44 17.12
C PHE D 133 10.18 -13.43 16.78
N GLN D 134 11.37 -13.66 17.32
CA GLN D 134 12.51 -12.78 17.08
C GLN D 134 13.28 -13.24 15.85
N LEU D 135 13.93 -12.28 15.21
CA LEU D 135 14.75 -12.52 14.04
C LEU D 135 15.92 -11.55 14.08
N MET D 136 17.13 -12.04 13.82
CA MET D 136 18.30 -11.18 13.80
C MET D 136 19.11 -11.43 12.56
N VAL D 137 19.50 -10.36 11.89
CA VAL D 137 20.27 -10.50 10.66
C VAL D 137 21.51 -9.63 10.63
N LEU D 138 22.52 -10.14 9.94
CA LEU D 138 23.79 -9.44 9.75
C LEU D 138 23.93 -9.22 8.25
N TYR D 139 24.07 -7.96 7.86
CA TYR D 139 24.27 -7.59 6.46
C TYR D 139 25.67 -7.04 6.30
N GLY D 140 26.29 -7.33 5.18
CA GLY D 140 27.63 -6.83 4.93
C GLY D 140 27.61 -6.12 3.61
N ARG D 141 28.50 -5.14 3.42
CA ARG D 141 28.57 -4.41 2.15
C ARG D 141 29.28 -5.29 1.11
N THR D 142 29.86 -6.38 1.61
CA THR D 142 30.58 -7.36 0.80
C THR D 142 29.87 -8.70 0.86
N LYS D 143 30.11 -9.56 -0.14
CA LYS D 143 29.49 -10.87 -0.20
C LYS D 143 29.71 -11.73 1.04
N ASP D 144 30.76 -11.43 1.78
CA ASP D 144 31.05 -12.16 3.01
C ASP D 144 31.73 -11.21 3.98
N LEU D 145 31.78 -11.59 5.26
CA LEU D 145 32.38 -10.75 6.26
C LEU D 145 33.38 -11.48 7.12
N SER D 146 34.13 -10.67 7.87
CA SER D 146 35.15 -11.10 8.80
C SER D 146 34.59 -12.13 9.78
N SER D 147 35.40 -13.15 10.07
CA SER D 147 35.02 -14.20 11.00
C SER D 147 34.77 -13.59 12.37
N ASP D 148 35.39 -12.43 12.61
CA ASP D 148 35.25 -11.70 13.85
C ASP D 148 33.87 -11.06 13.92
N ILE D 149 33.42 -10.49 12.80
CA ILE D 149 32.12 -9.84 12.75
C ILE D 149 31.05 -10.89 13.01
N LYS D 150 31.25 -12.08 12.43
CA LYS D 150 30.29 -13.15 12.59
C LYS D 150 30.21 -13.68 14.01
N GLU D 151 31.29 -13.54 14.78
CA GLU D 151 31.31 -14.00 16.17
C GLU D 151 30.53 -13.04 17.05
N LYS D 152 30.82 -11.75 16.91
CA LYS D 152 30.16 -10.69 17.66
C LYS D 152 28.66 -10.83 17.48
N PHE D 153 28.25 -11.15 16.25
CA PHE D 153 26.85 -11.32 15.92
C PHE D 153 26.31 -12.58 16.59
N ALA D 154 27.09 -13.66 16.53
CA ALA D 154 26.69 -14.93 17.13
C ALA D 154 26.41 -14.73 18.62
N LYS D 155 27.18 -13.85 19.25
CA LYS D 155 27.01 -13.54 20.67
C LYS D 155 25.72 -12.77 20.93
N LEU D 156 25.47 -11.72 20.16
CA LEU D 156 24.26 -10.92 20.33
C LEU D 156 23.02 -11.81 20.19
N CYS D 157 23.08 -12.78 19.30
CA CYS D 157 21.96 -13.69 19.10
C CYS D 157 21.68 -14.40 20.41
N GLU D 158 22.74 -14.89 21.03
CA GLU D 158 22.63 -15.60 22.28
C GLU D 158 22.14 -14.66 23.38
N ALA D 159 22.59 -13.41 23.33
CA ALA D 159 22.18 -12.41 24.30
C ALA D 159 20.70 -12.06 24.12
N HIS D 160 20.09 -12.59 23.07
CA HIS D 160 18.69 -12.36 22.77
C HIS D 160 17.90 -13.66 22.73
N GLY D 161 18.39 -14.66 23.45
CA GLY D 161 17.70 -15.93 23.51
C GLY D 161 17.78 -16.85 22.30
N ILE D 162 18.45 -16.44 21.23
CA ILE D 162 18.56 -17.31 20.07
C ILE D 162 19.79 -18.19 20.19
N THR D 163 19.58 -19.51 20.19
CA THR D 163 20.65 -20.49 20.34
C THR D 163 21.54 -20.59 19.10
N ARG D 164 22.79 -21.01 19.31
CA ARG D 164 23.78 -21.16 18.24
C ARG D 164 23.32 -22.15 17.16
N ASP D 165 22.34 -23.00 17.48
CA ASP D 165 21.83 -23.99 16.53
C ASP D 165 20.86 -23.33 15.54
N ASN D 166 20.40 -22.12 15.86
CA ASN D 166 19.46 -21.43 14.99
C ASN D 166 20.07 -20.26 14.24
N ILE D 167 21.39 -20.17 14.29
CA ILE D 167 22.13 -19.12 13.59
C ILE D 167 22.58 -19.74 12.27
N ILE D 168 22.10 -19.21 11.16
CA ILE D 168 22.44 -19.75 9.84
C ILE D 168 23.31 -18.82 9.01
N ASP D 169 24.42 -19.35 8.50
CA ASP D 169 25.36 -18.60 7.67
C ASP D 169 24.96 -18.81 6.21
N LEU D 170 24.37 -17.77 5.61
CA LEU D 170 23.91 -17.84 4.23
C LEU D 170 24.99 -17.72 3.18
N THR D 171 26.22 -17.36 3.58
CA THR D 171 27.31 -17.21 2.62
C THR D 171 27.69 -18.51 1.93
N LYS D 172 27.36 -19.62 2.55
CA LYS D 172 27.69 -20.89 1.97
C LYS D 172 26.65 -21.43 0.98
N THR D 173 25.45 -20.87 1.04
CA THR D 173 24.35 -21.24 0.15
C THR D 173 24.12 -20.29 -1.03
N ASP D 174 23.11 -20.61 -1.85
CA ASP D 174 22.77 -19.77 -3.00
C ASP D 174 21.91 -18.63 -2.52
N ARG D 175 22.46 -17.43 -2.57
CA ARG D 175 21.75 -16.25 -2.16
C ARG D 175 21.14 -15.63 -3.40
N CYS D 176 20.53 -16.49 -4.20
CA CYS D 176 19.91 -16.07 -5.44
C CYS D 176 20.80 -15.26 -6.35
N LEU D 177 22.11 -15.38 -6.14
CA LEU D 177 23.04 -14.65 -6.98
C LEU D 177 23.10 -15.36 -8.33
#